data_1WBE
#
_entry.id   1WBE
#
_cell.length_a   55.741
_cell.length_b   35.393
_cell.length_c   58.423
_cell.angle_alpha   90.00
_cell.angle_beta   116.55
_cell.angle_gamma   90.00
#
_symmetry.space_group_name_H-M   'P 1 21 1'
#
loop_
_entity.id
_entity.type
_entity.pdbx_description
1 polymer 'GLYCOLIPID TRANSFER PROTEIN'
2 non-polymer 'DECANOIC ACID'
3 non-polymer GLYCEROL
4 water water
#
_entity_poly.entity_id   1
_entity_poly.type   'polypeptide(L)'
_entity_poly.pdbx_seq_one_letter_code
;MALLAEHLLRPLPADKQIETGPFLEAVSHLPPFFDCLGSPVFTPIKADISGNITKIKAVYDTNPTKFRTLQNILEVEKEM
YGAEWPKVGATLALMWLKRGLRFIQVFLQSICDGERDENHPNLIRVNATKAYEMALKKYHGWIVQKIFQAALYAAPYKSD
FLKALSKGQNVTEEECLEKVRLFLVNYTATIDVIYEMYTRMNAELNYKV
;
_entity_poly.pdbx_strand_id   A
#
# COMPACT_ATOMS: atom_id res chain seq x y z
N GLU A 6 -14.83 -8.45 -5.17
CA GLU A 6 -13.87 -9.60 -5.14
C GLU A 6 -12.49 -9.19 -4.61
N HIS A 7 -12.25 -7.87 -4.53
CA HIS A 7 -11.05 -7.33 -3.88
C HIS A 7 -11.05 -5.79 -3.80
N LEU A 8 -12.18 -5.19 -4.14
CA LEU A 8 -12.43 -3.80 -3.84
C LEU A 8 -12.32 -3.59 -2.33
N LEU A 9 -11.85 -2.43 -1.93
CA LEU A 9 -11.97 -2.07 -0.54
C LEU A 9 -13.40 -1.59 -0.29
N ARG A 10 -13.84 -1.72 0.95
CA ARG A 10 -15.12 -1.16 1.37
C ARG A 10 -15.17 0.34 1.14
N PRO A 11 -16.37 0.88 0.87
N PRO A 11 -16.37 0.88 0.89
CA PRO A 11 -16.44 2.34 0.88
CA PRO A 11 -16.49 2.33 0.89
C PRO A 11 -16.11 2.95 2.24
N LEU A 12 -15.65 4.20 2.20
CA LEU A 12 -15.33 5.01 3.38
C LEU A 12 -16.61 5.44 4.13
N PRO A 13 -16.73 5.09 5.43
N PRO A 13 -16.77 5.03 5.41
CA PRO A 13 -17.89 5.54 6.22
CA PRO A 13 -17.91 5.53 6.19
C PRO A 13 -17.89 7.05 6.41
N ALA A 14 -19.09 7.62 6.70
CA ALA A 14 -19.25 9.05 6.93
C ALA A 14 -18.32 9.53 8.03
N ASP A 15 -18.26 8.74 9.11
CA ASP A 15 -17.45 9.08 10.25
C ASP A 15 -15.94 8.81 10.08
N LYS A 16 -15.55 8.33 8.90
CA LYS A 16 -14.12 8.03 8.57
C LYS A 16 -13.44 6.98 9.49
N GLN A 17 -14.24 6.21 10.24
CA GLN A 17 -13.67 5.16 11.09
C GLN A 17 -13.55 3.86 10.31
N ILE A 18 -12.31 3.43 10.03
CA ILE A 18 -12.07 2.31 9.17
C ILE A 18 -12.05 1.01 9.96
N GLU A 19 -12.92 0.05 9.62
CA GLU A 19 -12.95 -1.22 10.33
C GLU A 19 -11.68 -2.05 10.08
N THR A 20 -11.01 -2.48 11.12
CA THR A 20 -9.74 -3.16 11.01
C THR A 20 -9.80 -4.48 10.30
N GLY A 21 -10.78 -5.32 10.63
CA GLY A 21 -10.80 -6.67 10.06
C GLY A 21 -11.01 -6.66 8.52
N PRO A 22 -12.07 -5.98 8.05
CA PRO A 22 -12.30 -5.88 6.60
C PRO A 22 -11.13 -5.19 5.86
N PHE A 23 -10.47 -4.24 6.49
CA PHE A 23 -9.32 -3.57 5.88
C PHE A 23 -8.19 -4.58 5.66
N LEU A 24 -7.80 -5.29 6.73
CA LEU A 24 -6.77 -6.30 6.60
C LEU A 24 -7.12 -7.37 5.58
N GLU A 25 -8.39 -7.77 5.55
CA GLU A 25 -8.80 -8.80 4.57
C GLU A 25 -8.58 -8.28 3.15
N ALA A 26 -8.99 -7.03 2.90
CA ALA A 26 -8.86 -6.48 1.52
C ALA A 26 -7.39 -6.34 1.13
N VAL A 27 -6.58 -5.71 1.98
CA VAL A 27 -5.18 -5.47 1.57
C VAL A 27 -4.34 -6.74 1.51
N SER A 28 -4.77 -7.80 2.20
CA SER A 28 -4.05 -9.08 2.07
C SER A 28 -4.16 -9.65 0.63
N HIS A 29 -5.10 -9.16 -0.16
CA HIS A 29 -5.14 -9.58 -1.61
C HIS A 29 -4.13 -8.82 -2.50
N LEU A 30 -3.36 -7.91 -1.91
CA LEU A 30 -2.46 -7.09 -2.75
C LEU A 30 -1.11 -7.73 -2.96
N PRO A 31 -0.45 -8.29 -1.92
CA PRO A 31 0.84 -9.00 -2.21
C PRO A 31 0.83 -9.99 -3.40
N PRO A 32 -0.26 -10.80 -3.61
CA PRO A 32 -0.29 -11.73 -4.80
C PRO A 32 -0.14 -11.05 -6.16
N PHE A 33 -0.46 -9.75 -6.27
CA PHE A 33 -0.33 -9.07 -7.56
C PHE A 33 1.11 -8.85 -7.89
N PHE A 34 1.99 -8.82 -6.89
CA PHE A 34 3.42 -8.73 -7.14
C PHE A 34 3.98 -10.03 -7.77
N ASP A 35 3.17 -11.09 -7.74
CA ASP A 35 3.53 -12.45 -8.20
C ASP A 35 2.87 -12.81 -9.54
N CYS A 36 2.14 -11.87 -10.16
CA CYS A 36 1.36 -12.18 -11.37
C CYS A 36 2.17 -12.59 -12.62
N LEU A 37 3.46 -12.32 -12.61
CA LEU A 37 4.37 -12.66 -13.72
C LEU A 37 5.28 -13.89 -13.45
N GLY A 38 4.93 -14.67 -12.42
CA GLY A 38 5.76 -15.84 -12.02
C GLY A 38 6.82 -15.40 -11.03
N SER A 39 7.99 -15.00 -11.52
CA SER A 39 9.00 -14.46 -10.62
C SER A 39 8.42 -13.17 -9.99
N PRO A 40 8.40 -13.07 -8.63
CA PRO A 40 7.89 -11.83 -8.01
C PRO A 40 8.62 -10.57 -8.46
N VAL A 41 7.85 -9.47 -8.57
CA VAL A 41 8.41 -8.14 -8.88
C VAL A 41 8.29 -7.21 -7.68
N PHE A 42 9.16 -6.17 -7.62
CA PHE A 42 9.23 -5.22 -6.51
C PHE A 42 9.23 -5.92 -5.15
N THR A 43 10.09 -6.94 -5.00
CA THR A 43 10.02 -7.80 -3.78
C THR A 43 10.18 -7.08 -2.44
N PRO A 44 11.06 -6.08 -2.36
CA PRO A 44 11.17 -5.42 -1.07
C PRO A 44 9.87 -4.70 -0.64
N ILE A 45 9.07 -4.27 -1.62
CA ILE A 45 7.82 -3.52 -1.32
C ILE A 45 6.78 -4.52 -0.94
N LYS A 46 6.69 -5.60 -1.73
CA LYS A 46 5.82 -6.74 -1.39
C LYS A 46 6.08 -7.30 0.03
N ALA A 47 7.35 -7.56 0.36
CA ALA A 47 7.70 -8.21 1.63
C ALA A 47 7.29 -7.33 2.80
N ASP A 48 7.51 -6.02 2.67
CA ASP A 48 7.14 -5.12 3.77
C ASP A 48 5.65 -5.00 3.99
N ILE A 49 4.87 -4.91 2.89
CA ILE A 49 3.43 -4.90 3.00
C ILE A 49 2.95 -6.18 3.71
N SER A 50 3.40 -7.34 3.22
CA SER A 50 2.93 -8.59 3.79
C SER A 50 3.27 -8.75 5.30
N GLY A 51 4.48 -8.39 5.65
CA GLY A 51 5.01 -8.52 7.00
C GLY A 51 4.26 -7.61 7.94
N ASN A 52 3.97 -6.38 7.48
CA ASN A 52 3.23 -5.43 8.32
C ASN A 52 1.75 -5.85 8.48
N ILE A 53 1.10 -6.39 7.45
CA ILE A 53 -0.25 -6.92 7.59
C ILE A 53 -0.29 -8.00 8.70
N THR A 54 0.67 -8.91 8.61
CA THR A 54 0.72 -10.01 9.57
C THR A 54 0.83 -9.45 11.01
N LYS A 55 1.64 -8.42 11.21
CA LYS A 55 1.84 -7.85 12.57
C LYS A 55 0.54 -7.21 13.08
N ILE A 56 -0.13 -6.46 12.22
CA ILE A 56 -1.37 -5.81 12.62
C ILE A 56 -2.45 -6.85 12.90
N LYS A 57 -2.55 -7.84 12.03
CA LYS A 57 -3.56 -8.91 12.20
C LYS A 57 -3.36 -9.67 13.50
N ALA A 58 -2.10 -9.89 13.86
CA ALA A 58 -1.81 -10.60 15.15
C ALA A 58 -2.36 -9.81 16.34
N VAL A 59 -2.17 -8.49 16.35
CA VAL A 59 -2.75 -7.64 17.43
C VAL A 59 -4.28 -7.62 17.39
N TYR A 60 -4.85 -7.39 16.22
CA TYR A 60 -6.31 -7.38 16.07
C TYR A 60 -6.98 -8.68 16.58
N ASP A 61 -6.40 -9.81 16.19
CA ASP A 61 -7.02 -11.12 16.47
C ASP A 61 -7.13 -11.41 17.94
N THR A 62 -6.29 -10.75 18.75
CA THR A 62 -6.34 -10.93 20.22
C THR A 62 -7.60 -10.33 20.85
N ASN A 63 -8.15 -9.30 20.22
CA ASN A 63 -9.28 -8.60 20.79
C ASN A 63 -9.94 -7.75 19.72
N PRO A 64 -10.67 -8.41 18.81
CA PRO A 64 -11.27 -7.68 17.70
C PRO A 64 -12.14 -6.51 18.12
N THR A 65 -12.84 -6.60 19.27
CA THR A 65 -13.70 -5.48 19.65
C THR A 65 -12.87 -4.29 20.14
N LYS A 66 -11.84 -4.54 20.97
CA LYS A 66 -10.91 -3.49 21.39
C LYS A 66 -10.21 -2.81 20.19
N PHE A 67 -9.90 -3.56 19.15
CA PHE A 67 -9.14 -3.06 18.00
C PHE A 67 -10.10 -3.00 16.80
N ARG A 68 -11.37 -2.64 17.01
CA ARG A 68 -12.36 -2.74 15.95
C ARG A 68 -12.06 -1.83 14.75
N THR A 69 -11.55 -0.64 15.05
CA THR A 69 -11.19 0.31 13.97
C THR A 69 -9.68 0.59 14.01
N LEU A 70 -9.19 1.13 12.91
CA LEU A 70 -7.77 1.52 12.90
C LEU A 70 -7.47 2.60 13.94
N GLN A 71 -8.41 3.55 14.14
CA GLN A 71 -8.25 4.55 15.16
C GLN A 71 -8.18 3.92 16.55
N ASN A 72 -9.00 2.87 16.76
CA ASN A 72 -8.90 2.16 18.07
C ASN A 72 -7.50 1.60 18.31
N ILE A 73 -6.85 1.05 17.30
CA ILE A 73 -5.49 0.54 17.47
C ILE A 73 -4.59 1.66 18.03
N LEU A 74 -4.64 2.84 17.42
CA LEU A 74 -3.73 3.91 17.83
C LEU A 74 -4.08 4.37 19.25
N GLU A 75 -5.37 4.51 19.53
CA GLU A 75 -5.85 4.96 20.87
C GLU A 75 -5.41 4.00 21.95
N VAL A 76 -5.69 2.72 21.73
CA VAL A 76 -5.39 1.66 22.69
C VAL A 76 -3.89 1.51 22.93
N GLU A 77 -3.10 1.47 21.85
CA GLU A 77 -1.67 1.32 22.01
C GLU A 77 -1.01 2.59 22.63
N LYS A 78 -1.54 3.77 22.34
CA LYS A 78 -1.02 5.00 22.98
C LYS A 78 -1.18 4.84 24.51
N GLU A 79 -2.37 4.39 24.92
CA GLU A 79 -2.60 4.21 26.38
C GLU A 79 -1.74 3.10 26.94
N MET A 80 -1.66 1.96 26.26
CA MET A 80 -0.90 0.81 26.73
C MET A 80 0.60 1.10 26.88
N TYR A 81 1.18 1.81 25.90
CA TYR A 81 2.65 1.86 25.79
C TYR A 81 3.27 3.16 26.24
N GLY A 82 2.43 4.15 26.52
CA GLY A 82 2.95 5.42 27.04
C GLY A 82 3.96 6.07 26.12
N ALA A 83 5.07 6.56 26.66
CA ALA A 83 6.00 7.39 25.91
C ALA A 83 6.69 6.68 24.75
N GLU A 84 6.70 5.35 24.74
CA GLU A 84 7.32 4.57 23.66
C GLU A 84 6.46 4.72 22.41
N TRP A 85 5.15 4.87 22.58
CA TRP A 85 4.23 5.04 21.41
C TRP A 85 4.60 6.38 20.73
N PRO A 86 4.54 6.46 19.38
CA PRO A 86 3.99 5.47 18.43
C PRO A 86 4.98 4.48 17.82
N LYS A 87 6.21 4.41 18.35
CA LYS A 87 7.20 3.50 17.78
C LYS A 87 7.04 2.08 18.37
N VAL A 88 5.81 1.55 18.25
CA VAL A 88 5.45 0.25 18.90
C VAL A 88 4.35 -0.48 18.15
N GLY A 89 4.35 -1.81 18.25
CA GLY A 89 3.16 -2.60 18.00
C GLY A 89 2.53 -2.38 16.61
N ALA A 90 1.21 -2.50 16.58
CA ALA A 90 0.52 -2.37 15.30
C ALA A 90 0.55 -0.95 14.81
N THR A 91 0.66 0.02 15.72
CA THR A 91 0.73 1.41 15.28
C THR A 91 1.97 1.59 14.36
N LEU A 92 3.11 1.00 14.74
CA LEU A 92 4.29 1.12 13.93
C LEU A 92 4.18 0.31 12.63
N ALA A 93 3.61 -0.90 12.75
CA ALA A 93 3.41 -1.71 11.53
C ALA A 93 2.50 -1.01 10.50
N LEU A 94 1.43 -0.41 10.97
CA LEU A 94 0.54 0.32 10.07
C LEU A 94 1.18 1.63 9.56
N MET A 95 2.09 2.24 10.31
CA MET A 95 2.78 3.44 9.83
C MET A 95 3.60 3.11 8.58
N TRP A 96 4.21 1.93 8.59
CA TRP A 96 4.96 1.49 7.42
C TRP A 96 4.05 0.90 6.34
N LEU A 97 3.01 0.15 6.72
CA LEU A 97 2.07 -0.40 5.74
C LEU A 97 1.50 0.71 4.89
N LYS A 98 1.09 1.81 5.50
CA LYS A 98 0.43 2.84 4.69
C LYS A 98 1.36 3.40 3.62
N ARG A 99 2.67 3.38 3.87
CA ARG A 99 3.63 3.89 2.88
C ARG A 99 3.74 2.90 1.73
N GLY A 100 3.74 1.60 2.00
CA GLY A 100 3.72 0.62 0.87
C GLY A 100 2.42 0.71 0.09
N LEU A 101 1.28 0.91 0.80
CA LEU A 101 -0.05 1.01 0.15
C LEU A 101 -0.08 2.30 -0.72
N ARG A 102 0.52 3.39 -0.23
CA ARG A 102 0.61 4.65 -0.97
C ARG A 102 1.51 4.47 -2.23
N PHE A 103 2.58 3.68 -2.11
CA PHE A 103 3.39 3.37 -3.30
C PHE A 103 2.50 2.76 -4.36
N ILE A 104 1.74 1.72 -3.99
CA ILE A 104 0.87 1.04 -4.97
C ILE A 104 -0.12 2.05 -5.58
N GLN A 105 -0.76 2.84 -4.73
CA GLN A 105 -1.75 3.86 -5.18
C GLN A 105 -1.16 4.82 -6.21
N VAL A 106 -0.04 5.44 -5.87
CA VAL A 106 0.55 6.41 -6.78
C VAL A 106 1.02 5.74 -8.08
N PHE A 107 1.61 4.54 -7.96
CA PHE A 107 2.09 3.81 -9.15
C PHE A 107 0.93 3.52 -10.09
N LEU A 108 -0.13 2.88 -9.59
CA LEU A 108 -1.30 2.52 -10.41
C LEU A 108 -1.95 3.78 -10.95
N GLN A 109 -2.11 4.85 -10.15
CA GLN A 109 -2.78 6.04 -10.66
C GLN A 109 -1.95 6.63 -11.81
N SER A 110 -0.62 6.65 -11.65
CA SER A 110 0.27 7.19 -12.70
C SER A 110 0.11 6.43 -14.03
N ILE A 111 0.06 5.11 -13.92
CA ILE A 111 -0.14 4.30 -15.13
C ILE A 111 -1.51 4.59 -15.75
N CYS A 112 -2.54 4.65 -14.92
CA CYS A 112 -3.91 4.87 -15.41
C CYS A 112 -4.04 6.22 -16.08
N ASP A 113 -3.29 7.21 -15.59
CA ASP A 113 -3.32 8.59 -16.11
C ASP A 113 -2.45 8.71 -17.38
N GLY A 114 -1.86 7.61 -17.82
CA GLY A 114 -1.05 7.64 -19.08
C GLY A 114 0.32 8.28 -18.95
N GLU A 115 0.80 8.45 -17.74
CA GLU A 115 2.11 9.06 -17.55
C GLU A 115 3.18 8.08 -18.03
N ARG A 116 4.11 8.59 -18.82
CA ARG A 116 5.18 7.72 -19.36
C ARG A 116 6.33 8.58 -19.88
N ASP A 117 7.46 7.92 -20.08
CA ASP A 117 8.59 8.51 -20.80
C ASP A 117 8.34 8.13 -22.29
N GLU A 118 8.18 9.13 -23.17
CA GLU A 118 7.92 8.85 -24.60
C GLU A 118 9.10 8.12 -25.26
N ASN A 119 10.30 8.17 -24.70
CA ASN A 119 11.36 7.31 -25.22
C ASN A 119 11.30 5.85 -24.84
N HIS A 120 10.53 5.55 -23.78
CA HIS A 120 10.41 4.20 -23.23
C HIS A 120 8.94 3.96 -22.91
N PRO A 121 8.07 4.00 -23.90
CA PRO A 121 6.63 3.91 -23.61
C PRO A 121 6.20 2.56 -23.04
N ASN A 122 7.00 1.51 -23.24
CA ASN A 122 6.63 0.19 -22.73
C ASN A 122 7.35 -0.18 -21.45
N LEU A 123 8.02 0.76 -20.80
CA LEU A 123 8.56 0.57 -19.47
C LEU A 123 7.65 1.22 -18.44
N ILE A 124 7.85 0.84 -17.17
CA ILE A 124 7.12 1.51 -16.06
C ILE A 124 8.07 2.11 -15.06
N ARG A 125 9.30 2.36 -15.45
CA ARG A 125 10.29 2.96 -14.53
C ARG A 125 9.88 4.38 -14.06
N VAL A 126 9.39 5.22 -14.96
CA VAL A 126 9.02 6.58 -14.54
C VAL A 126 7.85 6.53 -13.50
N ASN A 127 6.95 5.56 -13.70
CA ASN A 127 5.80 5.44 -12.76
C ASN A 127 6.25 4.92 -11.42
N ALA A 128 7.14 3.92 -11.43
CA ALA A 128 7.65 3.39 -10.17
C ALA A 128 8.53 4.37 -9.42
N THR A 129 9.36 5.14 -10.12
CA THR A 129 10.18 6.14 -9.48
C THR A 129 9.31 7.23 -8.83
N LYS A 130 8.30 7.70 -9.55
CA LYS A 130 7.41 8.74 -8.99
C LYS A 130 6.76 8.22 -7.71
N ALA A 131 6.27 6.95 -7.77
CA ALA A 131 5.60 6.34 -6.62
C ALA A 131 6.58 6.19 -5.45
N TYR A 132 7.82 5.77 -5.74
CA TYR A 132 8.81 5.61 -4.67
C TYR A 132 9.16 6.94 -4.00
N GLU A 133 9.35 7.95 -4.80
CA GLU A 133 9.67 9.28 -4.30
C GLU A 133 8.54 9.77 -3.40
N MET A 134 7.29 9.50 -3.79
CA MET A 134 6.16 10.14 -3.09
C MET A 134 5.90 9.39 -1.82
N ALA A 135 6.15 8.09 -1.79
CA ALA A 135 5.72 7.22 -0.67
C ALA A 135 6.75 6.80 0.33
N LEU A 136 7.95 6.45 -0.19
CA LEU A 136 8.95 5.69 0.59
C LEU A 136 10.34 6.34 0.68
N LYS A 137 10.79 7.02 -0.37
CA LYS A 137 12.23 7.41 -0.45
C LYS A 137 12.70 8.20 0.79
N LYS A 138 11.87 9.11 1.30
CA LYS A 138 12.26 9.98 2.41
C LYS A 138 12.55 9.17 3.66
N TYR A 139 12.10 7.91 3.72
CA TYR A 139 12.21 7.09 4.91
C TYR A 139 13.24 5.95 4.79
N HIS A 140 14.01 6.03 3.70
CA HIS A 140 15.01 5.00 3.42
C HIS A 140 16.41 5.58 3.40
N GLY A 141 17.27 4.93 4.19
CA GLY A 141 18.70 5.22 4.24
C GLY A 141 19.36 4.77 2.93
N TRP A 142 20.69 4.94 2.87
CA TRP A 142 21.37 4.79 1.61
C TRP A 142 21.44 3.30 1.10
N ILE A 143 21.55 2.40 2.05
CA ILE A 143 21.63 0.97 1.74
C ILE A 143 20.27 0.48 1.14
N VAL A 144 19.19 0.89 1.81
CA VAL A 144 17.84 0.46 1.39
C VAL A 144 17.44 1.08 0.05
N GLN A 145 17.77 2.36 -0.19
CA GLN A 145 17.55 2.88 -1.49
C GLN A 145 18.18 2.08 -2.65
N LYS A 146 19.41 1.59 -2.43
CA LYS A 146 20.06 0.76 -3.44
C LYS A 146 19.29 -0.54 -3.68
N ILE A 147 18.77 -1.14 -2.61
CA ILE A 147 17.92 -2.36 -2.74
C ILE A 147 16.70 -2.04 -3.61
N PHE A 148 16.08 -0.87 -3.42
CA PHE A 148 14.96 -0.48 -4.33
C PHE A 148 15.35 -0.23 -5.79
N GLN A 149 16.49 0.43 -6.05
CA GLN A 149 16.93 0.62 -7.43
C GLN A 149 17.11 -0.69 -8.20
N ALA A 150 17.55 -1.73 -7.52
CA ALA A 150 17.68 -2.97 -8.18
C ALA A 150 16.29 -3.47 -8.60
N ALA A 151 15.30 -3.24 -7.72
CA ALA A 151 13.96 -3.70 -8.02
C ALA A 151 13.40 -2.87 -9.20
N LEU A 152 13.88 -1.63 -9.35
CA LEU A 152 13.55 -0.71 -10.49
C LEU A 152 14.11 -1.17 -11.83
N TYR A 153 15.39 -1.52 -11.87
CA TYR A 153 16.05 -1.96 -13.11
C TYR A 153 15.48 -3.26 -13.58
N ALA A 154 14.99 -4.07 -12.64
CA ALA A 154 14.35 -5.31 -12.97
C ALA A 154 12.82 -5.22 -13.22
N ALA A 155 12.23 -4.01 -13.18
CA ALA A 155 10.76 -3.89 -13.42
C ALA A 155 10.30 -4.51 -14.76
N PRO A 156 9.09 -5.11 -14.79
CA PRO A 156 8.63 -5.73 -16.03
C PRO A 156 8.24 -4.64 -17.06
N TYR A 157 8.15 -5.05 -18.31
CA TYR A 157 7.51 -4.22 -19.35
C TYR A 157 6.08 -3.90 -18.99
N LYS A 158 5.62 -2.69 -19.36
CA LYS A 158 4.27 -2.28 -19.11
C LYS A 158 3.23 -3.29 -19.69
N SER A 159 3.41 -3.67 -20.94
CA SER A 159 2.44 -4.59 -21.59
C SER A 159 2.37 -5.93 -20.83
N ASP A 160 3.52 -6.41 -20.33
CA ASP A 160 3.53 -7.70 -19.60
C ASP A 160 2.83 -7.51 -18.26
N PHE A 161 3.11 -6.41 -17.58
CA PHE A 161 2.49 -6.11 -16.29
C PHE A 161 0.95 -6.03 -16.46
N LEU A 162 0.50 -5.30 -17.46
CA LEU A 162 -0.95 -5.19 -17.69
C LEU A 162 -1.59 -6.51 -18.12
N LYS A 163 -0.93 -7.29 -18.98
CA LYS A 163 -1.48 -8.59 -19.41
C LYS A 163 -1.69 -9.46 -18.17
N ALA A 164 -0.72 -9.41 -17.27
CA ALA A 164 -0.73 -10.29 -16.12
C ALA A 164 -1.76 -9.90 -15.05
N LEU A 165 -2.21 -8.65 -15.04
CA LEU A 165 -3.26 -8.22 -14.08
C LEU A 165 -4.62 -8.78 -14.48
N SER A 166 -4.81 -8.99 -15.79
CA SER A 166 -6.05 -9.57 -16.31
C SER A 166 -5.92 -11.09 -16.46
N LYS A 167 -5.46 -11.73 -15.39
CA LYS A 167 -5.05 -13.15 -15.35
C LYS A 167 -5.94 -14.08 -16.15
N GLY A 168 -5.54 -14.30 -17.40
CA GLY A 168 -6.20 -15.28 -18.27
C GLY A 168 -7.62 -14.90 -18.63
N GLN A 169 -7.86 -13.60 -18.78
CA GLN A 169 -9.16 -13.09 -19.22
C GLN A 169 -9.04 -12.42 -20.59
N ASN A 170 -10.16 -12.43 -21.31
CA ASN A 170 -10.24 -11.87 -22.65
C ASN A 170 -10.60 -10.38 -22.58
N VAL A 171 -9.67 -9.58 -22.03
CA VAL A 171 -9.94 -8.17 -21.71
C VAL A 171 -8.83 -7.30 -22.31
N THR A 172 -9.19 -6.17 -22.92
CA THR A 172 -8.19 -5.29 -23.55
C THR A 172 -7.41 -4.51 -22.49
N GLU A 173 -6.24 -3.98 -22.86
CA GLU A 173 -5.49 -3.07 -21.94
C GLU A 173 -6.35 -1.91 -21.42
N GLU A 174 -7.19 -1.33 -22.28
CA GLU A 174 -8.08 -0.25 -21.87
C GLU A 174 -9.15 -0.70 -20.86
N GLU A 175 -9.70 -1.89 -21.07
CA GLU A 175 -10.68 -2.45 -20.14
C GLU A 175 -10.00 -2.77 -18.79
N CYS A 176 -8.76 -3.24 -18.84
CA CYS A 176 -8.00 -3.51 -17.62
C CYS A 176 -7.77 -2.20 -16.84
N LEU A 177 -7.36 -1.17 -17.54
CA LEU A 177 -7.13 0.12 -16.89
C LEU A 177 -8.42 0.66 -16.28
N GLU A 178 -9.58 0.47 -16.95
CA GLU A 178 -10.85 0.87 -16.33
C GLU A 178 -11.11 0.19 -15.00
N LYS A 179 -10.85 -1.10 -14.91
CA LYS A 179 -10.99 -1.87 -13.68
C LYS A 179 -10.04 -1.31 -12.59
N VAL A 180 -8.81 -0.96 -12.96
CA VAL A 180 -7.85 -0.41 -11.96
C VAL A 180 -8.35 0.95 -11.47
N ARG A 181 -8.89 1.78 -12.37
CA ARG A 181 -9.43 3.07 -11.96
C ARG A 181 -10.57 2.89 -10.97
N LEU A 182 -11.43 1.89 -11.18
CA LEU A 182 -12.48 1.68 -10.20
C LEU A 182 -11.91 1.29 -8.83
N PHE A 183 -10.99 0.32 -8.83
CA PHE A 183 -10.33 -0.10 -7.59
C PHE A 183 -9.72 1.13 -6.84
N LEU A 184 -9.11 2.04 -7.59
CA LEU A 184 -8.43 3.21 -7.01
C LEU A 184 -9.33 4.18 -6.22
N VAL A 185 -10.64 4.13 -6.46
CA VAL A 185 -11.54 5.13 -5.83
C VAL A 185 -11.56 4.88 -4.27
N ASN A 186 -12.04 3.71 -3.85
CA ASN A 186 -12.11 3.50 -2.40
C ASN A 186 -10.71 3.32 -1.81
N TYR A 187 -9.80 2.76 -2.61
CA TYR A 187 -8.44 2.51 -2.13
C TYR A 187 -7.71 3.81 -1.78
N THR A 188 -7.76 4.76 -2.71
CA THR A 188 -7.11 6.05 -2.46
C THR A 188 -7.75 6.76 -1.24
N ALA A 189 -9.10 6.78 -1.20
CA ALA A 189 -9.77 7.43 -0.04
C ALA A 189 -9.33 6.83 1.28
N THR A 190 -9.23 5.51 1.30
CA THR A 190 -8.87 4.81 2.53
C THR A 190 -7.44 5.20 2.97
N ILE A 191 -6.49 5.16 2.03
CA ILE A 191 -5.10 5.51 2.37
C ILE A 191 -5.02 6.95 2.81
N ASP A 192 -5.72 7.87 2.11
CA ASP A 192 -5.69 9.26 2.54
C ASP A 192 -6.24 9.45 3.98
N VAL A 193 -7.32 8.73 4.31
CA VAL A 193 -7.86 8.83 5.68
C VAL A 193 -6.83 8.28 6.68
N ILE A 194 -6.14 7.16 6.36
CA ILE A 194 -5.12 6.66 7.29
C ILE A 194 -3.98 7.68 7.49
N TYR A 195 -3.52 8.31 6.40
CA TYR A 195 -2.49 9.35 6.57
C TYR A 195 -2.99 10.50 7.46
N GLU A 196 -4.23 10.91 7.22
CA GLU A 196 -4.77 12.04 8.02
C GLU A 196 -4.86 11.66 9.50
N MET A 197 -5.21 10.39 9.78
CA MET A 197 -5.31 9.95 11.16
C MET A 197 -3.92 10.02 11.80
N TYR A 198 -2.90 9.47 11.13
CA TYR A 198 -1.56 9.53 11.70
C TYR A 198 -1.14 10.96 12.03
N THR A 199 -1.39 11.92 11.14
CA THR A 199 -1.00 13.29 11.43
C THR A 199 -1.85 13.82 12.60
N ARG A 200 -3.13 13.57 12.57
CA ARG A 200 -4.00 14.12 13.67
C ARG A 200 -3.57 13.61 15.04
N MET A 201 -3.22 12.33 15.09
CA MET A 201 -2.86 11.67 16.38
C MET A 201 -1.39 11.81 16.73
N ASN A 202 -0.63 12.57 15.93
CA ASN A 202 0.80 12.72 16.20
C ASN A 202 1.49 11.34 16.28
N ALA A 203 1.03 10.43 15.42
CA ALA A 203 1.56 9.06 15.36
C ALA A 203 2.66 8.89 14.25
N GLU A 204 2.85 9.91 13.42
CA GLU A 204 3.78 9.78 12.30
C GLU A 204 5.21 10.04 12.77
N LEU A 205 6.15 9.18 12.34
CA LEU A 205 7.57 9.36 12.65
C LEU A 205 8.35 9.51 11.36
N ASN A 206 9.53 10.07 11.45
CA ASN A 206 10.31 10.39 10.25
C ASN A 206 11.64 9.66 10.13
N TYR A 207 11.91 8.76 11.07
CA TYR A 207 13.17 7.99 11.03
C TYR A 207 13.33 7.15 9.77
N LYS A 208 14.58 6.87 9.43
CA LYS A 208 14.89 6.20 8.18
C LYS A 208 15.32 4.81 8.53
N VAL A 209 15.06 3.89 7.61
CA VAL A 209 15.58 2.51 7.77
C VAL A 209 16.72 2.24 6.82
#